data_6LD2
#
_entry.id   6LD2
#
_cell.length_a   63.94
_cell.length_b   85.06
_cell.length_c   69.74
_cell.angle_alpha   90
_cell.angle_beta   113.44
_cell.angle_gamma   90
#
_symmetry.space_group_name_H-M   'P 1 21 1'
#
loop_
_entity.id
_entity.type
_entity.pdbx_description
1 polymer 'RNA-directed RNA polymerase NS5'
2 non-polymer 'ZINC ION'
3 non-polymer '(1S,2S,4S,5R)-2,4-dimethoxy-5-thiophen-2-yl-cyclohexane-1-carboxylic acid'
4 water water
#
_entity_poly.entity_id   1
_entity_poly.type   'polypeptide(L)'
_entity_poly.pdbx_seq_one_letter_code
;MHHHHHHSSGVDLGTENLYFQSMAEAPNMKIIGNRIERIRSEHAETWFFDENHPYRTWAYHGSYEAPTQGSASSLINGVV
RLLSKPWDVVTGVTGIAMTDTTPYGQQRVFKEKVDTRVPDPQEGTRQVMSMVSSWLWKELGKHKRPRVCTKEEFINKVRS
NAALGAIFEEEKEWKTAVEAVNDPRFWALVDKEREHHLRGECQSCVYNMMGKREKKQGEFGKAKGSRAIWYMWLGARFLE
FEALGFLNEDHWMGRENSGGGVEGLGLQRLGYVLEEMSRIPGGRMYADDTAGWDTRISRFDLENEALITNQMEKGHRALA
LAIIKYTYQNKVVKVLRPAEKGKTVMDIISRQDQRGSGQVVTYALNTFTNLVVQLIRNMEAEEVLEMQDLWLLRRSEKVT
NWLQSNGWDRLKRMAVSGDDCVVKPIDDRFAHALRFLNDMGKVRKDTQEWKPSTGWDNWEEVPFCSHHFNKLHLKDGRSI
VVPCRHQDELIGRARVSPGAGWSIRETACLAKSYAQMWQLLYFHRRDLRLMANAICSSVPVDWVPTGRTTWSIHGKGEWM
TTEDMLVVWNRVWIEENDHMEDKTPVTKWTDIPYLGKREDLWCGSLIGHRPRTTWAENIKNTVNMVRRIIGDEEKYMDYL
STQVR
;
_entity_poly.pdbx_strand_id   A
#
loop_
_chem_comp.id
_chem_comp.type
_chem_comp.name
_chem_comp.formula
KY3 non-polymer '(1S,2S,4S,5R)-2,4-dimethoxy-5-thiophen-2-yl-cyclohexane-1-carboxylic acid' 'C13 H18 O4 S'
ZN non-polymer 'ZINC ION' 'Zn 2'
#
# COMPACT_ATOMS: atom_id res chain seq x y z
N PRO A 27 22.94 3.75 19.55
CA PRO A 27 21.64 3.39 20.15
C PRO A 27 21.40 4.09 21.48
N ASN A 28 20.16 4.53 21.72
CA ASN A 28 19.81 5.15 23.00
C ASN A 28 19.37 4.01 23.90
N MET A 29 20.31 3.45 24.67
CA MET A 29 20.04 2.29 25.53
C MET A 29 19.00 2.54 26.61
N LYS A 30 18.74 3.81 26.95
CA LYS A 30 17.70 4.12 27.93
C LYS A 30 16.29 3.87 27.34
N ILE A 31 16.15 3.98 26.00
CA ILE A 31 14.87 3.78 25.32
C ILE A 31 14.70 2.33 24.80
N ILE A 32 15.79 1.67 24.39
CA ILE A 32 15.67 0.32 23.85
C ILE A 32 16.11 -0.82 24.81
N GLY A 33 16.84 -0.48 25.88
CA GLY A 33 17.36 -1.47 26.82
C GLY A 33 16.35 -2.40 27.45
N ASN A 34 15.17 -1.87 27.85
CA ASN A 34 14.15 -2.72 28.47
C ASN A 34 13.65 -3.81 27.52
N ARG A 35 13.47 -3.44 26.24
CA ARG A 35 13.02 -4.41 25.25
C ARG A 35 14.08 -5.49 25.02
N ILE A 36 15.35 -5.06 24.93
CA ILE A 36 16.44 -6.01 24.74
C ILE A 36 16.54 -7.00 25.95
N GLU A 37 16.39 -6.48 27.17
CA GLU A 37 16.43 -7.33 28.37
C GLU A 37 15.30 -8.33 28.41
N ARG A 38 14.10 -7.92 28.00
CA ARG A 38 12.95 -8.81 27.96
C ARG A 38 13.19 -9.98 26.98
N ILE A 39 13.79 -9.70 25.81
CA ILE A 39 14.05 -10.75 24.82
C ILE A 39 15.08 -11.73 25.39
N ARG A 40 16.15 -11.19 25.95
CA ARG A 40 17.25 -11.92 26.57
C ARG A 40 16.71 -12.84 27.66
N SER A 41 15.76 -12.36 28.48
CA SER A 41 15.14 -13.15 29.55
C SER A 41 14.36 -14.36 29.05
N GLU A 42 13.74 -14.23 27.87
CA GLU A 42 12.96 -15.34 27.30
C GLU A 42 13.83 -16.40 26.61
N HIS A 43 15.10 -16.10 26.33
CA HIS A 43 16.05 -17.02 25.68
C HIS A 43 17.40 -16.97 26.38
N ALA A 44 17.38 -16.89 27.72
CA ALA A 44 18.59 -16.74 28.51
C ALA A 44 19.66 -17.82 28.32
N GLU A 45 19.25 -19.06 28.08
CA GLU A 45 20.19 -20.16 27.97
C GLU A 45 20.79 -20.34 26.58
N THR A 46 20.19 -19.73 25.55
CA THR A 46 20.78 -19.79 24.20
C THR A 46 21.39 -18.44 23.77
N TRP A 47 21.10 -17.34 24.51
CA TRP A 47 21.61 -16.02 24.20
C TRP A 47 23.13 -16.01 24.09
N PHE A 48 23.65 -15.29 23.08
CA PHE A 48 25.07 -15.12 22.82
C PHE A 48 25.33 -13.85 21.99
N PHE A 49 26.58 -13.38 21.95
CA PHE A 49 26.95 -12.23 21.14
C PHE A 49 27.83 -12.76 20.00
N ASP A 50 27.44 -12.50 18.75
CA ASP A 50 28.17 -12.98 17.59
C ASP A 50 29.04 -11.85 17.06
N GLU A 51 30.36 -11.93 17.32
CA GLU A 51 31.29 -10.89 16.88
C GLU A 51 31.42 -10.80 15.35
N ASN A 52 31.00 -11.86 14.63
CA ASN A 52 31.05 -11.87 13.19
C ASN A 52 29.68 -11.64 12.55
N HIS A 53 28.77 -10.92 13.25
CA HIS A 53 27.45 -10.57 12.70
C HIS A 53 27.64 -9.69 11.45
N PRO A 54 26.69 -9.69 10.49
CA PRO A 54 26.90 -8.91 9.26
C PRO A 54 26.31 -7.49 9.22
N TYR A 55 25.83 -6.97 10.36
CA TYR A 55 25.18 -5.66 10.43
C TYR A 55 26.17 -4.49 10.42
N ARG A 56 25.97 -3.55 9.48
CA ARG A 56 26.87 -2.40 9.32
C ARG A 56 26.23 -1.07 9.76
N THR A 57 24.99 -0.82 9.34
CA THR A 57 24.30 0.43 9.69
C THR A 57 23.23 0.28 10.79
N TRP A 58 22.97 -0.96 11.21
CA TRP A 58 22.04 -1.25 12.29
C TRP A 58 22.88 -1.59 13.52
N ALA A 59 22.46 -1.11 14.71
CA ALA A 59 23.15 -1.49 15.95
C ALA A 59 22.82 -2.96 16.23
N TYR A 60 23.82 -3.76 16.65
CA TYR A 60 23.59 -5.18 16.93
C TYR A 60 23.72 -5.41 18.42
N HIS A 61 22.77 -6.13 19.02
CA HIS A 61 22.76 -6.32 20.47
C HIS A 61 23.01 -7.74 20.94
N GLY A 62 22.67 -8.71 20.11
CA GLY A 62 22.84 -10.09 20.49
C GLY A 62 22.00 -11.03 19.66
N SER A 63 22.20 -12.30 19.90
CA SER A 63 21.52 -13.35 19.19
C SER A 63 21.11 -14.47 20.13
N TYR A 64 20.24 -15.34 19.65
CA TYR A 64 19.83 -16.53 20.36
C TYR A 64 19.45 -17.62 19.35
N GLU A 65 19.33 -18.87 19.80
CA GLU A 65 19.01 -19.96 18.89
C GLU A 65 17.52 -19.97 18.62
N ALA A 66 17.13 -19.81 17.35
CA ALA A 66 15.72 -19.75 16.99
C ALA A 66 15.17 -21.15 16.70
N PRO A 67 13.86 -21.39 16.93
CA PRO A 67 13.31 -22.72 16.63
C PRO A 67 13.05 -22.92 15.14
N LEU A 75 1.36 -23.75 -0.16
CA LEU A 75 0.89 -22.67 -1.02
C LEU A 75 0.55 -23.16 -2.42
N ILE A 76 -0.47 -22.53 -3.03
CA ILE A 76 -1.09 -22.71 -4.36
C ILE A 76 -2.60 -22.93 -4.20
N ASN A 77 -3.36 -22.19 -5.01
CA ASN A 77 -4.80 -22.30 -5.00
C ASN A 77 -5.10 -23.30 -6.09
N GLY A 78 -5.49 -24.51 -5.70
CA GLY A 78 -5.74 -25.57 -6.67
C GLY A 78 -6.86 -25.30 -7.63
N VAL A 79 -7.91 -24.59 -7.17
CA VAL A 79 -9.04 -24.29 -8.05
C VAL A 79 -8.60 -23.34 -9.17
N VAL A 80 -7.88 -22.25 -8.82
CA VAL A 80 -7.42 -21.31 -9.85
C VAL A 80 -6.41 -21.99 -10.76
N ARG A 81 -5.49 -22.80 -10.16
CA ARG A 81 -4.50 -23.45 -11.00
C ARG A 81 -5.17 -24.38 -12.05
N LEU A 82 -6.20 -25.15 -11.60
CA LEU A 82 -6.88 -26.05 -12.54
C LEU A 82 -7.55 -25.29 -13.69
N LEU A 83 -7.96 -24.04 -13.44
CA LEU A 83 -8.64 -23.23 -14.46
C LEU A 83 -7.75 -22.20 -15.19
N SER A 84 -6.42 -22.32 -15.02
CA SER A 84 -5.49 -21.39 -15.67
C SER A 84 -4.26 -22.10 -16.25
N LYS A 85 -4.49 -23.29 -16.86
CA LYS A 85 -3.40 -24.10 -17.44
C LYS A 85 -2.46 -23.32 -18.39
N PRO A 86 -2.93 -22.45 -19.29
CA PRO A 86 -1.98 -21.72 -20.18
C PRO A 86 -0.95 -20.87 -19.43
N TRP A 87 -1.20 -20.60 -18.16
CA TRP A 87 -0.30 -19.76 -17.38
C TRP A 87 0.66 -20.59 -16.51
N ASP A 88 0.66 -21.93 -16.64
CA ASP A 88 1.62 -22.78 -15.92
C ASP A 88 3.05 -22.51 -16.49
N VAL A 89 3.17 -22.21 -17.79
CA VAL A 89 4.46 -21.98 -18.44
C VAL A 89 4.81 -20.51 -18.67
N VAL A 90 4.03 -19.58 -18.05
CA VAL A 90 4.29 -18.16 -18.18
C VAL A 90 5.00 -17.77 -16.88
N THR A 91 6.32 -17.44 -16.96
CA THR A 91 7.12 -17.10 -15.76
C THR A 91 6.61 -15.86 -15.03
N GLY A 92 6.02 -14.91 -15.77
CA GLY A 92 5.41 -13.74 -15.16
C GLY A 92 4.31 -14.10 -14.17
N VAL A 93 3.71 -15.31 -14.34
CA VAL A 93 2.67 -15.81 -13.45
C VAL A 93 3.25 -16.66 -12.31
N THR A 94 4.01 -17.73 -12.66
CA THR A 94 4.54 -18.67 -11.67
C THR A 94 5.59 -18.08 -10.75
N GLY A 95 6.30 -17.05 -11.23
CA GLY A 95 7.32 -16.38 -10.43
C GLY A 95 6.75 -15.65 -9.22
N ILE A 96 5.48 -15.24 -9.29
CA ILE A 96 4.77 -14.54 -8.20
C ILE A 96 4.68 -15.38 -6.92
N ALA A 97 4.52 -16.71 -7.08
CA ALA A 97 4.39 -17.62 -5.95
C ALA A 97 5.70 -17.77 -5.13
N GLY A 105 17.80 -15.96 2.20
CA GLY A 105 16.96 -15.09 1.39
C GLY A 105 16.59 -13.81 2.11
N GLN A 106 16.19 -13.94 3.38
CA GLN A 106 15.83 -12.78 4.20
C GLN A 106 17.06 -11.92 4.47
N GLN A 107 18.19 -12.56 4.78
CA GLN A 107 19.47 -11.89 5.02
C GLN A 107 19.94 -11.16 3.76
N ARG A 108 19.68 -11.74 2.57
CA ARG A 108 20.05 -11.16 1.28
C ARG A 108 19.29 -9.84 1.06
N VAL A 109 17.97 -9.84 1.29
CA VAL A 109 17.14 -8.64 1.16
C VAL A 109 17.62 -7.57 2.16
N PHE A 110 17.94 -8.00 3.39
CA PHE A 110 18.41 -7.09 4.42
C PHE A 110 19.72 -6.42 4.04
N LYS A 111 20.75 -7.20 3.65
CA LYS A 111 22.07 -6.69 3.29
C LYS A 111 22.01 -5.67 2.16
N GLU A 112 21.20 -5.92 1.13
CA GLU A 112 21.14 -5.04 -0.02
C GLU A 112 20.16 -3.85 0.09
N LYS A 113 18.97 -4.05 0.68
CA LYS A 113 17.98 -2.97 0.72
C LYS A 113 17.76 -2.26 2.06
N VAL A 114 17.96 -2.94 3.21
CA VAL A 114 17.65 -2.33 4.50
C VAL A 114 18.89 -1.87 5.28
N ASP A 115 20.02 -2.57 5.08
CA ASP A 115 21.26 -2.23 5.79
C ASP A 115 22.06 -1.14 5.07
N THR A 116 21.45 0.02 4.87
CA THR A 116 22.12 1.14 4.23
C THR A 116 21.92 2.45 5.02
N ARG A 117 22.81 3.42 4.82
CA ARG A 117 22.68 4.72 5.46
C ARG A 117 22.93 5.83 4.42
N VAL A 118 22.23 6.95 4.62
CA VAL A 118 22.19 8.14 3.78
C VAL A 118 22.71 9.35 4.62
N PRO A 119 23.44 10.34 4.08
CA PRO A 119 23.84 11.50 4.91
C PRO A 119 22.62 12.32 5.36
N ASP A 120 22.77 13.09 6.44
CA ASP A 120 21.69 13.97 6.89
C ASP A 120 21.47 15.07 5.85
N PRO A 121 20.21 15.50 5.64
CA PRO A 121 19.99 16.70 4.81
C PRO A 121 20.66 17.91 5.47
N GLN A 122 20.98 18.93 4.69
CA GLN A 122 21.59 20.15 5.21
C GLN A 122 20.59 20.91 6.11
N GLU A 123 21.07 21.89 6.91
CA GLU A 123 20.22 22.60 7.86
C GLU A 123 19.06 23.34 7.22
N GLY A 124 19.29 23.96 6.07
CA GLY A 124 18.27 24.73 5.38
C GLY A 124 17.19 23.79 4.89
N THR A 125 17.60 22.67 4.30
CA THR A 125 16.63 21.64 3.86
C THR A 125 15.77 21.16 5.02
N ARG A 126 16.40 20.90 6.18
CA ARG A 126 15.64 20.47 7.36
C ARG A 126 14.68 21.57 7.87
N GLN A 127 15.05 22.86 7.77
CA GLN A 127 14.15 23.93 8.18
C GLN A 127 12.94 23.98 7.23
N VAL A 128 13.18 23.82 5.92
CA VAL A 128 12.09 23.81 4.93
C VAL A 128 11.16 22.60 5.20
N MET A 129 11.74 21.41 5.47
CA MET A 129 10.93 20.22 5.75
C MET A 129 10.03 20.43 6.96
N SER A 130 10.59 21.06 8.01
CA SER A 130 9.80 21.26 9.22
C SER A 130 8.72 22.28 8.99
N MET A 131 9.04 23.37 8.27
CA MET A 131 8.03 24.42 8.01
C MET A 131 6.87 23.86 7.19
N VAL A 132 7.17 23.12 6.10
CA VAL A 132 6.13 22.59 5.25
C VAL A 132 5.33 21.52 6.02
N SER A 133 5.99 20.69 6.83
CA SER A 133 5.26 19.67 7.60
C SER A 133 4.31 20.33 8.63
N SER A 134 4.80 21.40 9.27
CA SER A 134 3.98 22.10 10.27
C SER A 134 2.76 22.72 9.58
N TRP A 135 2.96 23.35 8.42
CA TRP A 135 1.86 23.96 7.65
C TRP A 135 0.86 22.89 7.23
N LEU A 136 1.37 21.76 6.71
CA LEU A 136 0.47 20.69 6.26
C LEU A 136 -0.33 20.07 7.37
N TRP A 137 0.29 19.78 8.53
CA TRP A 137 -0.49 19.23 9.66
C TRP A 137 -1.58 20.21 10.07
N LYS A 138 -1.28 21.51 10.05
CA LYS A 138 -2.31 22.50 10.42
C LYS A 138 -3.45 22.49 9.43
N GLU A 139 -3.16 22.35 8.13
CA GLU A 139 -4.22 22.32 7.13
C GLU A 139 -5.07 21.07 7.30
N LEU A 140 -4.40 19.90 7.53
CA LEU A 140 -5.16 18.66 7.69
C LEU A 140 -6.04 18.66 8.94
N GLY A 141 -5.62 19.41 9.98
CA GLY A 141 -6.36 19.47 11.24
C GLY A 141 -7.34 20.63 11.33
N LYS A 142 -7.47 21.42 10.26
CA LYS A 142 -8.39 22.57 10.29
C LYS A 142 -9.84 22.12 10.54
N HIS A 143 -10.23 21.02 9.88
CA HIS A 143 -11.62 20.53 9.95
C HIS A 143 -11.77 19.16 10.60
N LYS A 144 -10.74 18.71 11.33
CA LYS A 144 -10.73 17.44 12.02
C LYS A 144 -10.00 17.60 13.35
N ARG A 145 -10.38 16.81 14.36
CA ARG A 145 -9.70 16.85 15.63
C ARG A 145 -9.21 15.44 15.95
N PRO A 146 -7.94 15.30 16.38
CA PRO A 146 -7.46 13.96 16.76
C PRO A 146 -8.27 13.33 17.89
N ARG A 147 -8.33 12.01 17.90
CA ARG A 147 -9.04 11.29 18.93
C ARG A 147 -8.39 9.92 19.16
N VAL A 148 -8.69 9.33 20.32
CA VAL A 148 -8.21 8.02 20.68
C VAL A 148 -9.16 6.99 20.08
N CYS A 149 -8.61 5.97 19.43
CA CYS A 149 -9.43 4.90 18.89
C CYS A 149 -9.63 3.83 19.95
N THR A 150 -10.80 3.19 19.94
CA THR A 150 -11.18 2.29 21.01
C THR A 150 -10.94 0.79 20.75
N LYS A 151 -10.94 0.01 21.85
CA LYS A 151 -10.83 -1.44 21.86
C LYS A 151 -11.96 -2.03 20.97
N GLU A 152 -13.19 -1.49 21.08
CA GLU A 152 -14.32 -1.96 20.28
C GLU A 152 -14.15 -1.62 18.80
N GLU A 153 -13.55 -0.47 18.48
CA GLU A 153 -13.30 -0.10 17.08
C GLU A 153 -12.30 -1.11 16.47
N PHE A 154 -11.28 -1.50 17.24
CA PHE A 154 -10.27 -2.45 16.81
C PHE A 154 -10.88 -3.84 16.65
N ILE A 155 -11.79 -4.23 17.56
CA ILE A 155 -12.47 -5.52 17.51
C ILE A 155 -13.37 -5.61 16.28
N ASN A 156 -14.12 -4.55 15.96
CA ASN A 156 -14.97 -4.54 14.77
C ASN A 156 -14.17 -4.66 13.47
N LYS A 157 -12.94 -4.11 13.45
CA LYS A 157 -12.07 -4.17 12.28
C LYS A 157 -11.44 -5.55 12.07
N VAL A 158 -11.04 -6.25 13.15
CA VAL A 158 -10.40 -7.57 12.98
C VAL A 158 -11.37 -8.63 12.48
N ARG A 159 -12.69 -8.48 12.75
CA ARG A 159 -13.66 -9.45 12.24
C ARG A 159 -14.07 -9.12 10.80
N SER A 160 -13.10 -9.28 9.87
CA SER A 160 -13.27 -9.04 8.44
C SER A 160 -12.95 -10.32 7.67
N GLU A 179 -9.23 -16.29 17.20
CA GLU A 179 -8.87 -14.89 17.31
C GLU A 179 -8.44 -14.54 18.73
N ALA A 180 -7.30 -13.85 18.89
CA ALA A 180 -6.80 -13.45 20.21
C ALA A 180 -7.60 -12.29 20.83
N VAL A 181 -8.33 -11.53 20.01
CA VAL A 181 -9.16 -10.40 20.44
C VAL A 181 -10.27 -10.81 21.43
N ASN A 182 -10.90 -11.98 21.22
CA ASN A 182 -11.97 -12.46 22.09
C ASN A 182 -11.48 -13.10 23.40
N ASP A 183 -10.19 -12.96 23.72
CA ASP A 183 -9.60 -13.51 24.93
C ASP A 183 -9.30 -12.35 25.87
N PRO A 184 -9.82 -12.37 27.11
CA PRO A 184 -9.53 -11.28 28.04
C PRO A 184 -8.06 -11.17 28.44
N ARG A 185 -7.28 -12.27 28.29
CA ARG A 185 -5.86 -12.26 28.62
C ARG A 185 -5.02 -11.47 27.61
N PHE A 186 -5.50 -11.34 26.36
CA PHE A 186 -4.81 -10.55 25.35
C PHE A 186 -4.95 -9.07 25.72
N TRP A 187 -6.16 -8.64 26.11
CA TRP A 187 -6.39 -7.26 26.51
C TRP A 187 -5.69 -6.91 27.84
N ALA A 188 -5.38 -7.91 28.68
CA ALA A 188 -4.63 -7.71 29.92
C ALA A 188 -3.17 -7.39 29.54
N LEU A 189 -2.61 -8.10 28.55
CA LEU A 189 -1.25 -7.87 28.04
C LEU A 189 -1.18 -6.44 27.48
N VAL A 190 -2.21 -6.03 26.72
CA VAL A 190 -2.35 -4.70 26.14
C VAL A 190 -2.33 -3.62 27.24
N ASP A 191 -3.11 -3.82 28.32
CA ASP A 191 -3.17 -2.90 29.44
C ASP A 191 -1.83 -2.76 30.16
N LYS A 192 -1.09 -3.87 30.31
CA LYS A 192 0.20 -3.85 30.97
C LYS A 192 1.21 -3.04 30.16
N GLU A 193 1.25 -3.24 28.82
CA GLU A 193 2.17 -2.47 27.99
C GLU A 193 1.79 -0.97 27.99
N ARG A 194 0.48 -0.64 27.96
CA ARG A 194 0.02 0.75 28.00
C ARG A 194 0.50 1.44 29.28
N GLU A 195 0.47 0.71 30.40
CA GLU A 195 0.92 1.19 31.71
C GLU A 195 2.39 1.56 31.64
N HIS A 196 3.23 0.73 30.99
CA HIS A 196 4.64 1.05 30.84
C HIS A 196 4.80 2.32 30.02
N HIS A 197 4.08 2.43 28.90
CA HIS A 197 4.14 3.62 28.03
C HIS A 197 3.81 4.89 28.79
N LEU A 198 2.77 4.83 29.63
CA LEU A 198 2.37 6.00 30.42
C LEU A 198 3.42 6.45 31.46
N ARG A 199 4.37 5.58 31.83
CA ARG A 199 5.48 5.93 32.73
C ARG A 199 6.78 6.33 31.99
N GLY A 200 6.82 6.15 30.68
CA GLY A 200 8.01 6.45 29.90
C GLY A 200 8.87 5.21 29.68
N GLU A 201 8.24 4.03 29.58
CA GLU A 201 8.92 2.75 29.36
C GLU A 201 8.25 1.88 28.26
N CYS A 202 9.01 0.96 27.63
CA CYS A 202 8.46 0.04 26.62
C CYS A 202 9.10 -1.32 26.86
N GLN A 203 8.29 -2.37 27.01
CA GLN A 203 8.83 -3.70 27.22
C GLN A 203 8.68 -4.67 26.03
N SER A 204 7.68 -4.45 25.14
CA SER A 204 7.44 -5.43 24.08
C SER A 204 7.07 -4.91 22.69
N CYS A 205 7.27 -3.62 22.39
CA CYS A 205 6.95 -3.13 21.03
C CYS A 205 8.18 -3.39 20.15
N VAL A 206 8.27 -4.64 19.71
CA VAL A 206 9.39 -5.16 18.95
C VAL A 206 8.90 -5.72 17.63
N TYR A 207 9.62 -5.45 16.55
CA TYR A 207 9.26 -6.01 15.25
C TYR A 207 9.91 -7.37 15.02
N ASN A 208 9.32 -8.20 14.16
CA ASN A 208 9.90 -9.43 13.67
C ASN A 208 10.05 -9.14 12.17
N MET A 209 11.28 -8.88 11.72
CA MET A 209 11.52 -8.56 10.31
C MET A 209 11.48 -9.80 9.47
N MET A 210 10.59 -9.80 8.45
CA MET A 210 10.50 -10.94 7.56
C MET A 210 10.75 -10.54 6.12
N GLY A 211 11.88 -10.99 5.58
CA GLY A 211 12.27 -10.69 4.21
C GLY A 211 11.65 -11.64 3.20
N ARG A 227 11.73 -6.23 -1.01
CA ARG A 227 10.74 -5.66 -0.09
C ARG A 227 10.80 -6.32 1.29
N ALA A 228 10.89 -5.52 2.37
CA ALA A 228 10.93 -6.05 3.72
C ALA A 228 9.64 -5.74 4.48
N ILE A 229 8.99 -6.76 5.05
CA ILE A 229 7.77 -6.54 5.85
C ILE A 229 8.12 -6.73 7.32
N TRP A 230 7.84 -5.72 8.14
CA TRP A 230 8.17 -5.76 9.55
C TRP A 230 6.87 -6.11 10.28
N TYR A 231 6.86 -7.25 10.96
CA TYR A 231 5.67 -7.69 11.67
C TYR A 231 5.72 -7.34 13.13
N MET A 232 4.57 -7.15 13.76
N MET A 232 4.57 -7.17 13.76
CA MET A 232 4.48 -6.90 15.19
CA MET A 232 4.50 -6.90 15.20
C MET A 232 3.28 -7.60 15.77
C MET A 232 3.28 -7.58 15.78
N TRP A 233 3.36 -8.02 17.05
CA TRP A 233 2.24 -8.71 17.69
C TRP A 233 0.99 -7.81 17.75
N LEU A 234 -0.18 -8.44 17.70
CA LEU A 234 -1.45 -7.71 17.65
C LEU A 234 -1.61 -6.63 18.73
N GLY A 235 -0.99 -6.84 19.88
CA GLY A 235 -1.06 -5.92 21.00
C GLY A 235 -0.39 -4.59 20.74
N ALA A 236 0.79 -4.65 20.09
CA ALA A 236 1.52 -3.42 19.74
C ALA A 236 0.76 -2.68 18.63
N ARG A 237 0.15 -3.41 17.68
CA ARG A 237 -0.66 -2.82 16.63
C ARG A 237 -1.89 -2.14 17.25
N PHE A 238 -2.49 -2.76 18.31
CA PHE A 238 -3.61 -2.13 18.98
C PHE A 238 -3.16 -0.81 19.61
N LEU A 239 -2.05 -0.80 20.35
CA LEU A 239 -1.57 0.44 20.98
C LEU A 239 -1.28 1.54 19.96
N GLU A 240 -0.78 1.13 18.78
CA GLU A 240 -0.55 2.09 17.71
C GLU A 240 -1.89 2.63 17.20
N PHE A 241 -2.86 1.75 16.95
CA PHE A 241 -4.19 2.12 16.49
C PHE A 241 -4.87 3.06 17.51
N GLU A 242 -4.72 2.75 18.80
CA GLU A 242 -5.32 3.54 19.86
C GLU A 242 -4.87 5.00 19.81
N ALA A 243 -3.57 5.20 19.60
CA ALA A 243 -3.01 6.53 19.59
C ALA A 243 -3.01 7.27 18.26
N LEU A 244 -2.84 6.54 17.14
CA LEU A 244 -2.72 7.21 15.83
C LEU A 244 -3.70 6.74 14.76
N GLY A 245 -4.52 5.74 15.07
CA GLY A 245 -5.49 5.20 14.13
C GLY A 245 -6.50 6.21 13.63
N PHE A 246 -6.71 7.33 14.37
CA PHE A 246 -7.64 8.39 13.93
C PHE A 246 -7.27 8.89 12.52
N LEU A 247 -5.95 8.89 12.17
CA LEU A 247 -5.53 9.36 10.85
C LEU A 247 -6.24 8.58 9.73
N ASN A 248 -6.45 7.27 9.98
CA ASN A 248 -7.13 6.37 9.05
C ASN A 248 -8.62 6.42 9.22
N GLU A 249 -9.09 6.20 10.47
CA GLU A 249 -10.52 6.10 10.75
C GLU A 249 -11.29 7.34 10.40
N ASP A 250 -10.68 8.51 10.60
CA ASP A 250 -11.32 9.77 10.30
C ASP A 250 -10.83 10.39 8.96
N HIS A 251 -10.16 9.58 8.12
CA HIS A 251 -9.79 9.98 6.77
C HIS A 251 -9.03 11.28 6.67
N TRP A 252 -7.98 11.47 7.50
CA TRP A 252 -7.15 12.68 7.39
C TRP A 252 -6.52 12.81 6.00
N MET A 253 -6.19 11.67 5.36
CA MET A 253 -5.56 11.71 4.02
C MET A 253 -6.56 11.50 2.89
N GLY A 254 -7.86 11.59 3.18
CA GLY A 254 -8.87 11.57 2.13
C GLY A 254 -8.72 12.80 1.26
N ARG A 255 -9.14 12.74 0.01
CA ARG A 255 -8.94 13.85 -0.94
C ARG A 255 -9.60 15.15 -0.49
N GLU A 256 -10.79 15.04 0.13
CA GLU A 256 -11.50 16.22 0.61
C GLU A 256 -10.69 16.95 1.68
N ASN A 257 -10.06 16.20 2.59
CA ASN A 257 -9.33 16.84 3.68
C ASN A 257 -7.91 17.28 3.30
N SER A 258 -7.27 16.56 2.37
CA SER A 258 -5.85 16.79 2.08
C SER A 258 -5.51 17.37 0.72
N GLY A 259 -6.48 17.40 -0.18
CA GLY A 259 -6.31 17.93 -1.52
C GLY A 259 -5.61 16.98 -2.45
N GLY A 260 -4.46 16.47 -2.00
CA GLY A 260 -3.64 15.58 -2.83
C GLY A 260 -3.75 14.10 -2.50
N GLY A 261 -4.30 13.79 -1.34
CA GLY A 261 -4.50 12.39 -0.94
C GLY A 261 -5.62 11.72 -1.71
N VAL A 262 -5.66 10.38 -1.65
CA VAL A 262 -6.70 9.58 -2.30
C VAL A 262 -7.19 8.46 -1.37
N GLU A 263 -7.01 8.60 -0.06
CA GLU A 263 -7.42 7.56 0.87
C GLU A 263 -8.93 7.38 0.85
N GLY A 264 -9.36 6.14 0.73
CA GLY A 264 -10.79 5.84 0.72
C GLY A 264 -11.37 5.68 -0.66
N LEU A 265 -10.60 6.05 -1.70
CA LEU A 265 -11.07 5.89 -3.06
C LEU A 265 -10.69 4.50 -3.54
N GLY A 266 -11.59 3.87 -4.29
CA GLY A 266 -11.27 2.56 -4.84
C GLY A 266 -10.55 2.70 -6.16
N LEU A 267 -9.98 1.59 -6.66
CA LEU A 267 -9.36 1.57 -7.99
C LEU A 267 -10.35 2.02 -9.09
N GLN A 268 -11.65 1.85 -8.84
CA GLN A 268 -12.68 2.27 -9.80
C GLN A 268 -12.76 3.82 -9.90
N ARG A 269 -12.16 4.56 -8.95
CA ARG A 269 -12.20 6.01 -8.99
C ARG A 269 -10.87 6.66 -9.34
N LEU A 270 -9.73 5.97 -9.10
CA LEU A 270 -8.44 6.64 -9.30
C LEU A 270 -8.18 7.15 -10.70
N GLY A 271 -8.69 6.47 -11.73
CA GLY A 271 -8.48 6.93 -13.10
C GLY A 271 -9.13 8.28 -13.33
N TYR A 272 -10.32 8.48 -12.75
CA TYR A 272 -11.02 9.77 -12.88
C TYR A 272 -10.22 10.87 -12.22
N VAL A 273 -9.52 10.56 -11.11
CA VAL A 273 -8.70 11.58 -10.45
C VAL A 273 -7.56 12.00 -11.39
N LEU A 274 -6.91 11.03 -12.03
CA LEU A 274 -5.83 11.36 -12.96
C LEU A 274 -6.34 12.13 -14.16
N GLU A 275 -7.53 11.80 -14.65
CA GLU A 275 -8.12 12.52 -15.78
C GLU A 275 -8.45 13.95 -15.37
N GLU A 276 -8.93 14.16 -14.15
CA GLU A 276 -9.21 15.53 -13.66
C GLU A 276 -7.90 16.31 -13.60
N MET A 277 -6.84 15.68 -13.07
CA MET A 277 -5.55 16.37 -12.99
C MET A 277 -5.01 16.74 -14.36
N SER A 278 -5.25 15.88 -15.38
CA SER A 278 -4.74 16.13 -16.73
C SER A 278 -5.27 17.42 -17.33
N ARG A 279 -6.43 17.89 -16.83
CA ARG A 279 -7.08 19.09 -17.34
C ARG A 279 -6.59 20.35 -16.64
N ILE A 280 -5.88 20.22 -15.50
CA ILE A 280 -5.38 21.41 -14.79
C ILE A 280 -4.25 21.97 -15.63
N PRO A 281 -4.29 23.27 -16.00
CA PRO A 281 -3.22 23.82 -16.85
C PRO A 281 -1.85 23.68 -16.20
N GLY A 282 -0.82 23.44 -17.00
CA GLY A 282 0.53 23.34 -16.45
C GLY A 282 1.46 22.47 -17.25
N GLY A 283 2.41 21.86 -16.55
CA GLY A 283 3.37 20.99 -17.21
C GLY A 283 2.85 19.59 -17.40
N ARG A 284 3.73 18.67 -17.75
CA ARG A 284 3.39 17.26 -17.92
C ARG A 284 3.02 16.65 -16.55
N MET A 285 2.55 15.39 -16.57
CA MET A 285 2.22 14.69 -15.33
C MET A 285 3.43 13.88 -14.97
N TYR A 286 3.95 14.05 -13.75
CA TYR A 286 5.16 13.36 -13.30
C TYR A 286 4.79 12.27 -12.31
N ALA A 287 5.37 11.11 -12.44
CA ALA A 287 5.07 9.97 -11.58
C ALA A 287 6.38 9.27 -11.27
N ASP A 288 7.25 9.93 -10.50
CA ASP A 288 8.54 9.36 -10.17
C ASP A 288 8.44 8.57 -8.93
N ASP A 289 8.81 7.29 -9.02
N ASP A 289 9.04 7.39 -8.94
CA ASP A 289 8.79 6.38 -7.89
CA ASP A 289 9.09 6.55 -7.76
C ASP A 289 10.14 6.47 -7.19
C ASP A 289 10.36 6.86 -6.97
N THR A 290 10.13 6.69 -5.87
N THR A 290 10.32 6.77 -5.63
CA THR A 290 11.37 6.75 -5.08
CA THR A 290 11.51 6.93 -4.79
C THR A 290 11.90 5.33 -4.89
C THR A 290 11.98 5.50 -4.54
N ALA A 291 13.22 5.15 -4.94
CA ALA A 291 13.79 3.82 -4.75
C ALA A 291 13.83 3.50 -3.25
N GLY A 292 13.13 2.44 -2.86
CA GLY A 292 13.00 1.96 -1.48
C GLY A 292 12.51 3.04 -0.53
N TRP A 293 11.28 3.55 -0.77
CA TRP A 293 10.75 4.67 0.02
C TRP A 293 10.90 4.52 1.53
N ASP A 294 10.44 3.38 2.07
CA ASP A 294 10.48 3.19 3.51
C ASP A 294 11.89 3.27 4.08
N THR A 295 12.90 2.78 3.31
CA THR A 295 14.28 2.85 3.77
C THR A 295 14.86 4.27 3.70
N ARG A 296 14.21 5.18 2.95
CA ARG A 296 14.68 6.55 2.82
C ARG A 296 13.96 7.54 3.76
N ILE A 297 13.08 7.04 4.64
CA ILE A 297 12.44 7.91 5.64
C ILE A 297 13.51 8.20 6.69
N SER A 298 13.85 9.48 6.90
CA SER A 298 14.92 9.85 7.80
C SER A 298 14.42 10.11 9.21
N ARG A 299 15.37 10.30 10.16
CA ARG A 299 14.96 10.67 11.52
C ARG A 299 14.28 12.04 11.52
N PHE A 300 14.61 12.92 10.54
CA PHE A 300 14.01 14.26 10.42
C PHE A 300 12.58 14.11 9.91
N ASP A 301 12.34 13.20 8.94
CA ASP A 301 10.96 12.94 8.50
C ASP A 301 10.12 12.44 9.69
N LEU A 302 10.68 11.54 10.51
CA LEU A 302 9.95 11.00 11.66
C LEU A 302 9.64 12.09 12.65
N GLU A 303 10.54 13.05 12.85
CA GLU A 303 10.26 14.15 13.76
C GLU A 303 9.14 15.04 13.22
N ASN A 304 9.14 15.28 11.89
CA ASN A 304 8.13 16.14 11.28
C ASN A 304 6.77 15.47 11.30
N GLU A 305 6.74 14.13 11.10
CA GLU A 305 5.49 13.39 11.18
C GLU A 305 4.93 13.47 12.62
N ALA A 306 5.82 13.45 13.60
CA ALA A 306 5.40 13.49 15.01
C ALA A 306 4.77 14.83 15.43
N LEU A 307 4.91 15.88 14.61
CA LEU A 307 4.30 17.20 14.95
C LEU A 307 2.78 17.14 15.17
N ILE A 308 2.14 16.06 14.70
CA ILE A 308 0.68 15.90 14.92
C ILE A 308 0.36 15.86 16.43
N THR A 309 1.32 15.45 17.29
CA THR A 309 1.05 15.42 18.74
C THR A 309 0.68 16.78 19.32
N ASN A 310 1.09 17.87 18.66
CA ASN A 310 0.79 19.24 19.09
C ASN A 310 -0.71 19.56 19.02
N GLN A 311 -1.48 18.78 18.25
CA GLN A 311 -2.93 18.98 18.13
C GLN A 311 -3.72 18.06 19.06
N MET A 312 -3.04 17.27 19.90
CA MET A 312 -3.71 16.33 20.78
C MET A 312 -3.85 16.87 22.20
N GLU A 313 -4.91 16.44 22.88
CA GLU A 313 -5.03 16.78 24.31
C GLU A 313 -4.02 15.90 25.09
N LYS A 314 -3.61 16.35 26.29
CA LYS A 314 -2.59 15.68 27.12
C LYS A 314 -2.63 14.14 27.25
N GLY A 315 -3.78 13.55 27.57
CA GLY A 315 -3.87 12.11 27.78
C GLY A 315 -3.55 11.32 26.50
N HIS A 316 -4.19 11.73 25.43
CA HIS A 316 -3.98 11.15 24.11
C HIS A 316 -2.53 11.37 23.67
N ARG A 317 -2.01 12.58 23.93
CA ARG A 317 -0.63 12.93 23.58
C ARG A 317 0.36 12.00 24.24
N ALA A 318 0.15 11.63 25.51
CA ALA A 318 1.06 10.72 26.20
C ALA A 318 1.10 9.36 25.51
N LEU A 319 -0.07 8.86 25.05
CA LEU A 319 -0.12 7.57 24.37
C LEU A 319 0.60 7.65 23.01
N ALA A 320 0.34 8.71 22.24
CA ALA A 320 0.95 8.89 20.91
C ALA A 320 2.46 9.11 21.00
N LEU A 321 2.93 9.92 21.96
CA LEU A 321 4.38 10.16 22.11
C LEU A 321 5.13 8.87 22.39
N ALA A 322 4.52 7.91 23.12
CA ALA A 322 5.15 6.63 23.38
C ALA A 322 5.21 5.78 22.10
N ILE A 323 4.14 5.78 21.28
CA ILE A 323 4.15 5.04 20.02
C ILE A 323 5.25 5.59 19.11
N ILE A 324 5.34 6.90 19.02
CA ILE A 324 6.35 7.55 18.20
C ILE A 324 7.76 7.21 18.69
N LYS A 325 7.96 7.25 20.00
CA LYS A 325 9.27 6.96 20.58
C LYS A 325 9.75 5.53 20.38
N TYR A 326 8.88 4.53 20.57
CA TYR A 326 9.26 3.11 20.52
C TYR A 326 9.00 2.35 19.22
N THR A 327 7.87 2.62 18.59
CA THR A 327 7.48 1.94 17.36
C THR A 327 8.10 2.64 16.15
N TYR A 328 8.18 3.98 16.19
CA TYR A 328 8.68 4.73 15.04
C TYR A 328 10.14 5.15 15.10
N GLN A 329 10.60 5.76 16.20
CA GLN A 329 11.92 6.39 16.26
C GLN A 329 13.06 5.66 16.97
N ASN A 330 12.78 4.64 17.75
CA ASN A 330 13.82 3.89 18.44
C ASN A 330 13.37 2.46 18.34
N LYS A 331 13.51 1.91 17.13
CA LYS A 331 13.00 0.60 16.83
C LYS A 331 13.93 -0.54 17.23
N VAL A 332 13.32 -1.64 17.69
CA VAL A 332 14.03 -2.87 18.05
C VAL A 332 13.45 -3.95 17.17
N VAL A 333 14.32 -4.71 16.49
CA VAL A 333 13.86 -5.71 15.54
C VAL A 333 14.53 -7.06 15.76
N LYS A 334 13.79 -8.15 15.59
CA LYS A 334 14.27 -9.53 15.62
C LYS A 334 14.35 -10.00 14.16
N VAL A 335 15.52 -10.49 13.69
CA VAL A 335 15.69 -10.96 12.30
C VAL A 335 16.36 -12.35 12.29
N LEU A 336 15.92 -13.27 11.43
CA LEU A 336 16.55 -14.60 11.32
C LEU A 336 17.81 -14.59 10.45
N ARG A 337 18.76 -15.49 10.76
CA ARG A 337 20.03 -15.61 10.03
C ARG A 337 20.46 -17.07 9.98
N LYS A 341 25.53 -25.98 10.21
CA LYS A 341 24.95 -27.27 9.94
C LYS A 341 23.42 -27.25 9.99
N GLY A 342 22.82 -26.48 9.07
CA GLY A 342 21.38 -26.35 8.95
C GLY A 342 20.69 -25.60 10.08
N LYS A 343 21.45 -25.00 11.01
CA LYS A 343 20.87 -24.29 12.14
C LYS A 343 20.54 -22.82 11.84
N THR A 344 19.68 -22.22 12.68
CA THR A 344 19.22 -20.85 12.48
C THR A 344 19.33 -20.04 13.79
N VAL A 345 19.79 -18.79 13.70
CA VAL A 345 19.85 -17.91 14.86
C VAL A 345 18.96 -16.68 14.63
N MET A 346 18.52 -16.04 15.72
CA MET A 346 17.73 -14.81 15.65
C MET A 346 18.60 -13.69 16.17
N ASP A 347 18.73 -12.60 15.43
CA ASP A 347 19.52 -11.44 15.82
C ASP A 347 18.62 -10.32 16.31
N ILE A 348 19.10 -9.57 17.30
CA ILE A 348 18.35 -8.47 17.86
C ILE A 348 19.11 -7.21 17.48
N ILE A 349 18.50 -6.39 16.62
CA ILE A 349 19.14 -5.20 16.12
C ILE A 349 18.25 -3.97 16.33
N SER A 350 18.81 -2.77 16.17
CA SER A 350 18.05 -1.54 16.34
C SER A 350 18.45 -0.46 15.34
N ARG A 351 17.52 0.46 15.06
CA ARG A 351 17.73 1.53 14.11
C ARG A 351 16.81 2.67 14.49
N GLN A 352 17.28 3.91 14.36
CA GLN A 352 16.47 5.07 14.70
C GLN A 352 15.69 5.63 13.51
N ASP A 353 16.23 5.54 12.30
CA ASP A 353 15.48 6.04 11.14
C ASP A 353 14.84 4.89 10.34
N GLN A 354 14.32 5.19 9.13
CA GLN A 354 13.56 4.28 8.29
C GLN A 354 12.13 4.11 8.81
N ARG A 355 11.24 3.72 7.92
CA ARG A 355 9.86 3.42 8.25
C ARG A 355 9.78 1.92 8.52
N GLY A 356 9.15 1.59 9.64
CA GLY A 356 8.88 0.20 9.99
C GLY A 356 7.68 -0.25 9.18
N SER A 357 7.93 -0.77 7.98
CA SER A 357 6.88 -1.17 7.05
C SER A 357 5.82 -2.10 7.67
N GLY A 358 4.55 -1.81 7.42
CA GLY A 358 3.47 -2.66 7.93
C GLY A 358 2.75 -2.16 9.17
N GLN A 359 3.14 -0.97 9.70
CA GLN A 359 2.48 -0.34 10.86
C GLN A 359 1.03 0.03 10.47
N VAL A 360 0.17 0.22 11.47
CA VAL A 360 -1.22 0.63 11.27
C VAL A 360 -1.31 1.95 10.51
N VAL A 361 -0.43 2.93 10.79
CA VAL A 361 -0.51 4.22 10.09
C VAL A 361 0.70 4.45 9.13
N THR A 362 1.34 3.36 8.68
CA THR A 362 2.45 3.48 7.70
C THR A 362 1.96 4.21 6.44
N TYR A 363 0.77 3.85 5.94
CA TYR A 363 0.28 4.43 4.72
C TYR A 363 -0.01 5.92 4.92
N ALA A 364 -0.67 6.29 6.04
CA ALA A 364 -1.01 7.69 6.26
C ALA A 364 0.22 8.55 6.41
N LEU A 365 1.24 8.04 7.14
CA LEU A 365 2.45 8.83 7.35
C LEU A 365 3.29 8.89 6.07
N ASN A 366 3.30 7.80 5.27
CA ASN A 366 3.99 7.89 3.99
C ASN A 366 3.32 8.91 3.08
N THR A 367 1.97 8.93 3.06
CA THR A 367 1.24 9.91 2.25
C THR A 367 1.57 11.34 2.71
N PHE A 368 1.58 11.56 4.04
CA PHE A 368 1.92 12.87 4.60
C PHE A 368 3.29 13.35 4.10
N THR A 369 4.31 12.51 4.33
CA THR A 369 5.66 12.91 4.01
C THR A 369 5.86 13.04 2.51
N ASN A 370 5.17 12.20 1.71
CA ASN A 370 5.31 12.34 0.26
C ASN A 370 4.65 13.64 -0.20
N LEU A 371 3.52 14.04 0.42
CA LEU A 371 2.93 15.35 0.10
C LEU A 371 3.92 16.48 0.42
N VAL A 372 4.61 16.41 1.59
CA VAL A 372 5.58 17.44 1.97
C VAL A 372 6.71 17.48 0.92
N VAL A 373 7.21 16.30 0.54
CA VAL A 373 8.29 16.24 -0.47
C VAL A 373 7.89 16.88 -1.79
N GLN A 374 6.65 16.62 -2.24
CA GLN A 374 6.24 17.17 -3.54
C GLN A 374 6.00 18.66 -3.46
N LEU A 375 5.52 19.18 -2.28
CA LEU A 375 5.38 20.62 -2.14
C LEU A 375 6.78 21.27 -2.22
N ILE A 376 7.78 20.65 -1.57
CA ILE A 376 9.14 21.20 -1.61
C ILE A 376 9.69 21.17 -3.03
N ARG A 377 9.46 20.06 -3.76
CA ARG A 377 9.94 19.99 -5.14
C ARG A 377 9.31 21.11 -6.01
N ASN A 378 8.02 21.38 -5.81
CA ASN A 378 7.34 22.46 -6.54
C ASN A 378 7.95 23.84 -6.13
N MET A 379 8.28 24.03 -4.85
CA MET A 379 8.88 25.33 -4.46
C MET A 379 10.25 25.52 -5.09
N GLU A 380 11.04 24.45 -5.18
CA GLU A 380 12.35 24.55 -5.85
C GLU A 380 12.12 24.85 -7.34
N ALA A 381 11.20 24.10 -7.99
CA ALA A 381 10.90 24.30 -9.40
C ALA A 381 10.45 25.74 -9.70
N GLU A 382 9.60 26.29 -8.85
CA GLU A 382 9.09 27.64 -9.00
C GLU A 382 10.07 28.72 -8.51
N GLU A 383 11.31 28.32 -8.15
CA GLU A 383 12.36 29.24 -7.76
C GLU A 383 12.03 30.02 -6.48
N VAL A 384 11.13 29.49 -5.63
CA VAL A 384 10.87 30.05 -4.29
C VAL A 384 12.12 29.70 -3.43
N LEU A 385 12.62 28.46 -3.56
CA LEU A 385 13.82 27.99 -2.88
C LEU A 385 14.98 28.14 -3.83
N GLU A 386 16.10 28.72 -3.36
CA GLU A 386 17.28 28.83 -4.19
C GLU A 386 18.37 27.89 -3.66
N MET A 387 19.46 27.70 -4.43
CA MET A 387 20.51 26.78 -3.99
C MET A 387 21.16 27.22 -2.67
N GLN A 388 21.18 28.54 -2.36
CA GLN A 388 21.73 28.97 -1.06
C GLN A 388 20.86 28.51 0.13
N ASP A 389 19.56 28.19 -0.11
CA ASP A 389 18.66 27.77 0.97
C ASP A 389 18.89 26.32 1.46
N LEU A 390 19.71 25.51 0.74
CA LEU A 390 19.98 24.15 1.19
C LEU A 390 20.79 24.23 2.48
N TRP A 391 21.82 25.07 2.50
CA TRP A 391 22.73 25.20 3.63
C TRP A 391 22.07 25.81 4.87
N LEU A 392 21.25 26.84 4.65
CA LEU A 392 20.59 27.55 5.73
C LEU A 392 19.47 28.36 5.10
N LEU A 393 18.26 28.32 5.68
CA LEU A 393 17.13 29.10 5.20
C LEU A 393 17.16 30.38 6.05
N ARG A 394 17.66 31.49 5.47
CA ARG A 394 17.86 32.72 6.25
C ARG A 394 16.58 33.41 6.64
N ARG A 395 15.68 33.54 5.66
CA ARG A 395 14.40 34.21 5.83
C ARG A 395 13.33 33.19 5.46
N SER A 396 12.36 32.98 6.33
CA SER A 396 11.33 31.97 6.08
C SER A 396 10.04 32.53 5.46
N GLU A 397 9.88 33.87 5.38
CA GLU A 397 8.64 34.46 4.91
C GLU A 397 8.22 34.11 3.51
N LYS A 398 9.19 33.86 2.61
CA LYS A 398 8.85 33.50 1.23
C LYS A 398 8.18 32.12 1.18
N VAL A 399 8.67 31.20 2.00
CA VAL A 399 8.11 29.84 2.03
C VAL A 399 6.68 29.92 2.61
N THR A 400 6.51 30.66 3.72
CA THR A 400 5.19 30.82 4.32
C THR A 400 4.21 31.45 3.35
N ASN A 401 4.66 32.52 2.63
CA ASN A 401 3.77 33.14 1.65
C ASN A 401 3.39 32.17 0.54
N TRP A 402 4.36 31.38 0.06
CA TRP A 402 4.03 30.41 -1.02
C TRP A 402 3.03 29.36 -0.51
N LEU A 403 3.22 28.87 0.71
CA LEU A 403 2.29 27.87 1.27
C LEU A 403 0.90 28.45 1.45
N GLN A 404 0.79 29.67 2.01
CA GLN A 404 -0.53 30.29 2.17
C GLN A 404 -1.19 30.68 0.86
N SER A 405 -0.39 31.11 -0.14
CA SER A 405 -0.95 31.56 -1.40
C SER A 405 -1.28 30.40 -2.35
N ASN A 406 -0.35 29.42 -2.43
CA ASN A 406 -0.38 28.36 -3.45
C ASN A 406 -0.45 26.93 -2.95
N GLY A 407 -0.25 26.69 -1.66
CA GLY A 407 -0.19 25.32 -1.10
C GLY A 407 -1.36 24.46 -1.49
N TRP A 408 -2.58 24.97 -1.26
N TRP A 408 -2.58 24.95 -1.24
CA TRP A 408 -3.78 24.17 -1.59
CA TRP A 408 -3.77 24.16 -1.58
C TRP A 408 -3.93 23.91 -3.07
C TRP A 408 -3.91 23.90 -3.06
N ASP A 409 -3.59 24.87 -3.94
CA ASP A 409 -3.66 24.67 -5.38
C ASP A 409 -2.66 23.54 -5.77
N ARG A 410 -1.46 23.57 -5.18
CA ARG A 410 -0.46 22.54 -5.47
C ARG A 410 -0.86 21.19 -4.95
N LEU A 411 -1.48 21.10 -3.76
CA LEU A 411 -1.98 19.82 -3.26
C LEU A 411 -3.03 19.23 -4.22
N LYS A 412 -3.96 20.07 -4.74
CA LYS A 412 -4.98 19.56 -5.68
C LYS A 412 -4.38 19.09 -7.03
N ARG A 413 -3.13 19.48 -7.33
CA ARG A 413 -2.40 19.04 -8.52
C ARG A 413 -1.64 17.72 -8.24
N MET A 414 -1.96 17.02 -7.13
CA MET A 414 -1.26 15.77 -6.78
C MET A 414 -2.26 14.65 -6.54
N ALA A 415 -1.79 13.40 -6.74
CA ALA A 415 -2.53 12.22 -6.32
C ALA A 415 -1.43 11.43 -5.64
N VAL A 416 -1.55 11.30 -4.31
CA VAL A 416 -0.51 10.67 -3.49
C VAL A 416 -1.12 9.56 -2.69
N SER A 417 -0.63 8.34 -2.88
CA SER A 417 -1.13 7.19 -2.15
C SER A 417 0.09 6.51 -1.54
N GLY A 418 0.40 6.89 -0.30
CA GLY A 418 1.60 6.39 0.37
C GLY A 418 2.85 6.83 -0.38
N ASP A 419 3.69 5.88 -0.79
CA ASP A 419 4.89 6.25 -1.54
C ASP A 419 4.65 6.47 -3.04
N ASP A 420 3.41 6.32 -3.52
CA ASP A 420 3.09 6.47 -4.93
C ASP A 420 2.55 7.87 -5.17
N CYS A 421 3.03 8.54 -6.20
CA CYS A 421 2.58 9.91 -6.46
C CYS A 421 2.54 10.25 -7.94
N VAL A 422 1.59 11.12 -8.27
CA VAL A 422 1.51 11.75 -9.57
C VAL A 422 1.35 13.23 -9.25
N VAL A 423 2.14 14.08 -9.92
CA VAL A 423 2.11 15.53 -9.76
C VAL A 423 1.87 16.23 -11.12
N LYS A 424 1.00 17.28 -11.13
CA LYS A 424 0.79 18.08 -12.35
C LYS A 424 1.28 19.49 -11.98
N PRO A 425 2.58 19.74 -12.16
CA PRO A 425 3.13 21.04 -11.75
C PRO A 425 2.65 22.20 -12.64
N ILE A 426 2.94 23.46 -12.24
CA ILE A 426 2.48 24.60 -13.05
C ILE A 426 3.23 24.76 -14.38
N ASP A 427 4.40 24.11 -14.53
CA ASP A 427 5.19 24.08 -15.76
C ASP A 427 6.23 22.93 -15.66
N ASP A 428 7.14 22.77 -16.65
CA ASP A 428 8.05 21.64 -16.62
C ASP A 428 9.36 21.92 -15.91
N ARG A 429 9.46 23.07 -15.18
CA ARG A 429 10.68 23.27 -14.36
C ARG A 429 10.80 22.15 -13.29
N PHE A 430 9.64 21.54 -12.91
CA PHE A 430 9.59 20.45 -11.96
C PHE A 430 10.51 19.30 -12.37
N ALA A 431 10.65 19.04 -13.70
CA ALA A 431 11.47 17.91 -14.14
C ALA A 431 12.90 17.96 -13.62
N HIS A 432 13.47 19.18 -13.54
CA HIS A 432 14.87 19.35 -13.11
C HIS A 432 15.03 19.88 -11.69
N ALA A 433 13.94 19.99 -10.93
CA ALA A 433 13.98 20.47 -9.55
C ALA A 433 14.39 19.30 -8.66
N LEU A 434 15.72 19.03 -8.59
CA LEU A 434 16.21 17.84 -7.90
C LEU A 434 17.11 18.10 -6.71
N ARG A 435 17.51 19.35 -6.47
CA ARG A 435 18.44 19.62 -5.37
C ARG A 435 17.90 19.27 -3.98
N PHE A 436 16.70 19.77 -3.66
CA PHE A 436 16.12 19.47 -2.36
C PHE A 436 15.71 18.02 -2.30
N LEU A 437 15.14 17.46 -3.40
CA LEU A 437 14.74 16.05 -3.45
C LEU A 437 15.94 15.15 -3.12
N ASN A 438 17.08 15.42 -3.76
CA ASN A 438 18.26 14.60 -3.52
C ASN A 438 18.88 14.87 -2.15
N ASP A 439 18.86 16.12 -1.69
CA ASP A 439 19.40 16.42 -0.35
C ASP A 439 18.57 15.74 0.76
N MET A 440 17.27 15.58 0.54
CA MET A 440 16.38 14.88 1.47
C MET A 440 16.53 13.35 1.41
N GLY A 441 17.37 12.83 0.50
CA GLY A 441 17.54 11.40 0.35
C GLY A 441 16.41 10.70 -0.39
N LYS A 442 15.55 11.48 -1.08
CA LYS A 442 14.38 10.92 -1.77
C LYS A 442 14.70 10.59 -3.22
N VAL A 443 15.82 9.91 -3.44
CA VAL A 443 16.35 9.57 -4.77
C VAL A 443 15.36 8.78 -5.68
N ARG A 444 15.18 9.23 -6.92
CA ARG A 444 14.26 8.55 -7.85
C ARG A 444 14.81 7.22 -8.32
N LYS A 445 13.94 6.23 -8.50
CA LYS A 445 14.32 4.91 -8.98
C LYS A 445 14.46 4.93 -10.53
N ASP A 446 15.36 4.10 -11.07
CA ASP A 446 15.58 3.88 -12.50
C ASP A 446 15.93 5.13 -13.33
N THR A 447 16.50 6.15 -12.69
CA THR A 447 16.95 7.36 -13.38
C THR A 447 18.26 7.76 -12.75
N GLN A 448 19.19 8.32 -13.54
CA GLN A 448 20.45 8.84 -12.99
C GLN A 448 20.09 10.02 -12.04
N GLU A 449 20.70 10.05 -10.85
CA GLU A 449 20.41 11.00 -9.78
C GLU A 449 20.13 12.44 -10.23
N TRP A 450 20.89 12.94 -11.23
CA TRP A 450 20.71 14.31 -11.68
C TRP A 450 20.08 14.46 -13.07
N LYS A 451 19.62 13.37 -13.66
CA LYS A 451 18.95 13.42 -14.95
C LYS A 451 17.53 13.91 -14.71
N PRO A 452 17.05 14.88 -15.49
CA PRO A 452 15.69 15.38 -15.27
C PRO A 452 14.65 14.29 -15.45
N SER A 453 13.58 14.35 -14.65
CA SER A 453 12.49 13.40 -14.77
C SER A 453 11.81 13.53 -16.13
N THR A 454 11.19 12.42 -16.57
CA THR A 454 10.44 12.44 -17.82
C THR A 454 8.97 12.39 -17.44
N GLY A 455 8.24 13.39 -17.88
CA GLY A 455 6.82 13.46 -17.60
C GLY A 455 5.99 12.81 -18.69
N TRP A 456 4.70 12.66 -18.44
N TRP A 456 4.70 12.68 -18.45
CA TRP A 456 3.78 12.07 -19.40
CA TRP A 456 3.78 12.02 -19.35
C TRP A 456 2.84 13.10 -19.96
C TRP A 456 2.78 13.03 -19.94
N ASP A 457 2.60 13.01 -21.26
CA ASP A 457 1.64 13.87 -21.93
C ASP A 457 0.22 13.25 -21.87
N ASN A 458 0.13 11.90 -21.82
CA ASN A 458 -1.14 11.19 -21.85
C ASN A 458 -1.44 10.58 -20.49
N TRP A 459 -2.48 11.11 -19.80
CA TRP A 459 -2.85 10.60 -18.48
C TRP A 459 -3.14 9.08 -18.51
N GLU A 460 -3.60 8.55 -19.65
CA GLU A 460 -3.92 7.11 -19.72
C GLU A 460 -2.71 6.19 -19.63
N GLU A 461 -1.50 6.78 -19.75
CA GLU A 461 -0.27 6.03 -19.66
C GLU A 461 0.46 6.22 -18.33
N VAL A 462 -0.02 7.14 -17.48
CA VAL A 462 0.64 7.43 -16.22
C VAL A 462 0.48 6.27 -15.27
N PRO A 463 1.59 5.76 -14.71
CA PRO A 463 1.49 4.69 -13.72
C PRO A 463 1.12 5.26 -12.36
N PHE A 464 0.25 4.59 -11.64
CA PHE A 464 -0.16 5.03 -10.30
C PHE A 464 -0.74 3.84 -9.59
N CYS A 465 -0.23 3.53 -8.40
CA CYS A 465 -0.73 2.40 -7.62
C CYS A 465 -0.65 1.08 -8.40
N SER A 466 0.44 0.90 -9.15
CA SER A 466 0.71 -0.32 -9.92
C SER A 466 -0.25 -0.53 -11.08
N HIS A 467 -1.04 0.50 -11.43
CA HIS A 467 -1.96 0.43 -12.56
C HIS A 467 -1.76 1.60 -13.51
N HIS A 468 -2.37 1.51 -14.68
CA HIS A 468 -2.65 2.62 -15.56
C HIS A 468 -4.19 2.60 -15.75
N PHE A 469 -4.73 3.69 -16.28
CA PHE A 469 -6.17 3.87 -16.36
C PHE A 469 -6.60 4.24 -17.74
N ASN A 470 -7.62 3.55 -18.26
CA ASN A 470 -8.04 3.79 -19.63
C ASN A 470 -9.51 4.12 -19.77
N LYS A 471 -9.81 5.01 -20.71
CA LYS A 471 -11.20 5.38 -20.97
C LYS A 471 -11.78 4.46 -22.03
N LEU A 472 -12.87 3.75 -21.68
CA LEU A 472 -13.58 2.85 -22.60
C LEU A 472 -15.04 3.34 -22.72
N HIS A 473 -15.84 2.71 -23.60
CA HIS A 473 -17.23 3.11 -23.75
C HIS A 473 -18.16 1.94 -23.64
N LEU A 474 -19.26 2.13 -22.92
CA LEU A 474 -20.30 1.12 -22.85
C LEU A 474 -20.97 1.03 -24.22
N LYS A 475 -21.73 -0.03 -24.48
CA LYS A 475 -22.42 -0.17 -25.78
C LYS A 475 -23.31 1.04 -26.11
N ASP A 476 -23.91 1.63 -25.08
CA ASP A 476 -24.78 2.79 -25.29
C ASP A 476 -24.03 4.11 -25.54
N GLY A 477 -22.69 4.09 -25.51
CA GLY A 477 -21.91 5.29 -25.81
C GLY A 477 -21.28 5.99 -24.63
N ARG A 478 -21.75 5.67 -23.41
CA ARG A 478 -21.22 6.34 -22.21
C ARG A 478 -19.79 5.91 -21.91
N SER A 479 -18.93 6.86 -21.54
CA SER A 479 -17.55 6.51 -21.23
C SER A 479 -17.42 6.08 -19.76
N ILE A 480 -16.41 5.25 -19.52
CA ILE A 480 -16.05 4.81 -18.18
C ILE A 480 -14.51 4.82 -18.15
N VAL A 481 -13.91 4.95 -16.96
CA VAL A 481 -12.45 4.97 -16.84
C VAL A 481 -12.03 3.80 -15.92
N VAL A 482 -11.31 2.82 -16.51
CA VAL A 482 -11.08 1.58 -15.82
C VAL A 482 -9.62 1.37 -15.44
N PRO A 483 -9.39 0.59 -14.39
CA PRO A 483 -8.00 0.31 -14.00
C PRO A 483 -7.45 -0.87 -14.81
N CYS A 484 -6.12 -0.88 -15.07
CA CYS A 484 -5.51 -1.97 -15.84
C CYS A 484 -4.08 -2.15 -15.37
N ARG A 485 -3.63 -3.37 -15.44
CA ARG A 485 -2.23 -3.67 -15.22
C ARG A 485 -1.89 -4.89 -16.03
N HIS A 486 -0.60 -5.23 -16.13
CA HIS A 486 -0.23 -6.44 -16.89
C HIS A 486 -0.90 -7.66 -16.27
N GLN A 487 -1.53 -8.49 -17.10
CA GLN A 487 -2.36 -9.59 -16.65
C GLN A 487 -1.63 -10.70 -15.92
N ASP A 488 -0.32 -10.90 -16.21
CA ASP A 488 0.42 -11.95 -15.50
C ASP A 488 0.44 -11.73 -13.99
N GLU A 489 0.53 -10.48 -13.53
CA GLU A 489 0.55 -10.16 -12.10
C GLU A 489 -0.80 -10.56 -11.45
N LEU A 490 -1.90 -10.35 -12.18
CA LEU A 490 -3.23 -10.66 -11.64
C LEU A 490 -3.50 -12.14 -11.52
N ILE A 491 -3.14 -12.90 -12.57
CA ILE A 491 -3.34 -14.35 -12.54
C ILE A 491 -2.35 -14.98 -11.55
N GLY A 492 -1.13 -14.47 -11.51
CA GLY A 492 -0.12 -14.98 -10.58
C GLY A 492 -0.54 -14.84 -9.14
N ARG A 493 -1.14 -13.71 -8.79
CA ARG A 493 -1.61 -13.50 -7.42
C ARG A 493 -2.78 -14.41 -7.10
N ALA A 494 -3.75 -14.58 -8.05
CA ALA A 494 -4.88 -15.46 -7.81
C ALA A 494 -4.48 -16.90 -7.61
N ARG A 495 -3.34 -17.32 -8.18
CA ARG A 495 -2.89 -18.70 -8.03
C ARG A 495 -2.23 -18.96 -6.66
N VAL A 496 -1.96 -17.92 -5.85
CA VAL A 496 -1.32 -18.04 -4.53
C VAL A 496 -2.38 -18.18 -3.46
N SER A 497 -2.19 -19.14 -2.56
CA SER A 497 -3.08 -19.35 -1.44
C SER A 497 -2.24 -19.25 -0.16
N PRO A 498 -2.47 -18.22 0.66
CA PRO A 498 -1.71 -18.12 1.91
C PRO A 498 -2.36 -18.95 3.02
N GLY A 499 -1.71 -20.02 3.42
CA GLY A 499 -2.24 -20.90 4.47
C GLY A 499 -2.15 -22.36 4.12
N ALA A 500 -1.53 -23.14 5.01
CA ALA A 500 -1.36 -24.59 4.83
C ALA A 500 -2.55 -25.37 5.43
N GLY A 501 -2.74 -26.62 5.00
CA GLY A 501 -3.85 -27.45 5.46
C GLY A 501 -5.20 -26.91 5.01
N TRP A 502 -5.21 -26.19 3.88
CA TRP A 502 -6.42 -25.58 3.38
C TRP A 502 -7.27 -26.51 2.56
N SER A 503 -8.53 -26.65 3.00
CA SER A 503 -9.54 -27.42 2.33
C SER A 503 -9.89 -26.82 0.95
N ILE A 504 -10.52 -27.62 0.08
CA ILE A 504 -10.99 -27.13 -1.22
C ILE A 504 -12.06 -26.04 -0.99
N ARG A 505 -12.80 -26.04 0.14
CA ARG A 505 -13.79 -25.01 0.43
C ARG A 505 -13.12 -23.63 0.61
N GLU A 506 -12.09 -23.55 1.46
CA GLU A 506 -11.38 -22.27 1.68
C GLU A 506 -10.71 -21.82 0.37
N THR A 507 -10.16 -22.77 -0.37
CA THR A 507 -9.47 -22.56 -1.62
C THR A 507 -10.47 -22.02 -2.68
N ALA A 508 -11.62 -22.66 -2.79
CA ALA A 508 -12.63 -22.28 -3.77
C ALA A 508 -13.24 -20.93 -3.42
N CYS A 509 -13.44 -20.64 -2.12
CA CYS A 509 -13.99 -19.35 -1.72
C CYS A 509 -13.00 -18.21 -2.00
N LEU A 510 -11.69 -18.46 -1.86
CA LEU A 510 -10.69 -17.43 -2.20
C LEU A 510 -10.62 -17.27 -3.72
N ALA A 511 -10.78 -18.39 -4.48
CA ALA A 511 -10.80 -18.29 -5.95
C ALA A 511 -12.01 -17.43 -6.39
N LYS A 512 -13.15 -17.64 -5.75
CA LYS A 512 -14.36 -16.88 -6.06
C LYS A 512 -14.13 -15.40 -5.77
N SER A 513 -13.38 -15.08 -4.68
CA SER A 513 -13.07 -13.66 -4.40
C SER A 513 -12.28 -13.04 -5.53
N TYR A 514 -11.23 -13.73 -6.02
CA TYR A 514 -10.45 -13.18 -7.13
C TYR A 514 -11.30 -13.01 -8.35
N ALA A 515 -12.07 -14.06 -8.69
CA ALA A 515 -12.88 -14.00 -9.90
C ALA A 515 -13.90 -12.84 -9.84
N GLN A 516 -14.54 -12.64 -8.67
CA GLN A 516 -15.50 -11.52 -8.57
C GLN A 516 -14.80 -10.18 -8.59
N MET A 517 -13.57 -10.10 -8.06
CA MET A 517 -12.82 -8.86 -8.16
C MET A 517 -12.54 -8.55 -9.62
N TRP A 518 -12.16 -9.58 -10.41
CA TRP A 518 -11.93 -9.36 -11.83
C TRP A 518 -13.20 -8.94 -12.53
N GLN A 519 -14.36 -9.50 -12.15
CA GLN A 519 -15.61 -9.08 -12.80
C GLN A 519 -15.91 -7.62 -12.53
N LEU A 520 -15.53 -7.11 -11.35
CA LEU A 520 -15.85 -5.74 -11.01
C LEU A 520 -14.85 -4.76 -11.63
N LEU A 521 -13.55 -5.11 -11.62
CA LEU A 521 -12.52 -4.12 -12.01
C LEU A 521 -11.77 -4.39 -13.27
N TYR A 522 -11.66 -5.66 -13.64
CA TYR A 522 -10.83 -6.06 -14.80
C TYR A 522 -11.63 -6.84 -15.84
N PHE A 523 -12.94 -6.52 -15.86
CA PHE A 523 -13.86 -7.14 -16.80
C PHE A 523 -13.47 -6.89 -18.25
N HIS A 524 -12.68 -5.83 -18.47
CA HIS A 524 -12.28 -5.39 -19.81
C HIS A 524 -11.09 -6.21 -20.36
N ARG A 525 -10.59 -7.19 -19.58
CA ARG A 525 -9.52 -8.08 -20.03
C ARG A 525 -10.15 -9.38 -20.50
N ARG A 526 -10.03 -9.73 -21.79
CA ARG A 526 -10.69 -10.94 -22.30
C ARG A 526 -10.42 -12.19 -21.50
N ASP A 527 -9.15 -12.44 -21.18
CA ASP A 527 -8.82 -13.67 -20.48
C ASP A 527 -9.38 -13.70 -19.09
N LEU A 528 -9.42 -12.53 -18.41
CA LEU A 528 -9.92 -12.52 -17.04
C LEU A 528 -11.42 -12.61 -16.99
N ARG A 529 -12.15 -12.03 -17.97
CA ARG A 529 -13.62 -12.17 -17.93
C ARG A 529 -13.98 -13.68 -18.10
N LEU A 530 -13.26 -14.37 -19.00
CA LEU A 530 -13.51 -15.78 -19.25
CA LEU A 530 -13.49 -15.79 -19.26
C LEU A 530 -13.08 -16.59 -18.03
N MET A 531 -11.84 -16.39 -17.55
CA MET A 531 -11.38 -17.14 -16.37
C MET A 531 -12.26 -16.95 -15.16
N ALA A 532 -12.70 -15.69 -14.94
CA ALA A 532 -13.59 -15.39 -13.83
C ALA A 532 -14.90 -16.12 -13.97
N ASN A 533 -15.49 -16.12 -15.17
CA ASN A 533 -16.74 -16.85 -15.37
C ASN A 533 -16.55 -18.36 -15.15
N ALA A 534 -15.38 -18.89 -15.56
CA ALA A 534 -15.15 -20.33 -15.33
C ALA A 534 -15.01 -20.63 -13.84
N ILE A 535 -14.29 -19.76 -13.10
CA ILE A 535 -14.17 -19.98 -11.66
C ILE A 535 -15.56 -19.89 -11.01
N CYS A 536 -16.32 -18.85 -11.32
CA CYS A 536 -17.65 -18.71 -10.73
C CYS A 536 -18.58 -19.83 -11.08
N SER A 537 -18.41 -20.42 -12.27
CA SER A 537 -19.21 -21.57 -12.68
C SER A 537 -18.77 -22.84 -11.96
N SER A 538 -17.56 -22.87 -11.40
CA SER A 538 -17.03 -24.06 -10.75
C SER A 538 -17.16 -24.10 -9.24
N VAL A 539 -17.56 -22.97 -8.62
CA VAL A 539 -17.70 -22.88 -7.17
C VAL A 539 -19.19 -22.81 -6.85
N PRO A 540 -19.67 -23.55 -5.83
CA PRO A 540 -21.10 -23.50 -5.49
C PRO A 540 -21.62 -22.07 -5.33
N VAL A 541 -22.81 -21.78 -5.90
CA VAL A 541 -23.35 -20.43 -5.91
C VAL A 541 -23.52 -19.82 -4.53
N ASP A 542 -23.82 -20.65 -3.53
CA ASP A 542 -24.07 -20.16 -2.18
C ASP A 542 -22.81 -19.95 -1.33
N TRP A 543 -21.63 -20.38 -1.83
CA TRP A 543 -20.40 -20.20 -1.07
C TRP A 543 -19.96 -18.77 -1.04
N VAL A 544 -19.67 -18.29 0.16
CA VAL A 544 -19.30 -16.90 0.36
C VAL A 544 -17.84 -16.68 0.12
N PRO A 545 -17.49 -15.70 -0.73
CA PRO A 545 -16.06 -15.39 -0.94
C PRO A 545 -15.35 -15.08 0.39
N THR A 546 -14.12 -15.58 0.52
CA THR A 546 -13.32 -15.35 1.73
C THR A 546 -11.89 -14.99 1.31
N GLY A 547 -11.09 -14.52 2.27
CA GLY A 547 -9.70 -14.20 2.02
C GLY A 547 -9.52 -12.78 1.53
N ARG A 548 -8.29 -12.42 1.23
CA ARG A 548 -7.98 -11.09 0.76
C ARG A 548 -7.36 -11.21 -0.58
N THR A 549 -7.93 -10.51 -1.57
CA THR A 549 -7.33 -10.52 -2.90
C THR A 549 -6.21 -9.51 -3.01
N THR A 550 -6.20 -8.49 -2.14
CA THR A 550 -5.16 -7.49 -2.16
C THR A 550 -5.01 -6.83 -0.80
N TRP A 551 -3.81 -6.30 -0.53
CA TRP A 551 -3.58 -5.53 0.68
C TRP A 551 -3.78 -4.02 0.44
N SER A 552 -3.87 -3.59 -0.84
CA SER A 552 -4.04 -2.19 -1.21
C SER A 552 -5.24 -1.57 -0.57
N ILE A 553 -5.06 -0.37 -0.02
CA ILE A 553 -6.16 0.37 0.57
C ILE A 553 -7.21 0.71 -0.51
N HIS A 554 -6.86 0.63 -1.81
CA HIS A 554 -7.78 0.93 -2.90
C HIS A 554 -8.67 -0.25 -3.30
N GLY A 555 -8.47 -1.41 -2.66
CA GLY A 555 -9.29 -2.60 -2.85
C GLY A 555 -10.37 -2.59 -1.80
N LYS A 556 -11.55 -2.05 -2.14
CA LYS A 556 -12.61 -1.87 -1.16
C LYS A 556 -13.47 -3.12 -0.87
N GLY A 557 -13.22 -4.22 -1.58
CA GLY A 557 -13.87 -5.48 -1.30
C GLY A 557 -15.35 -5.59 -1.64
N GLU A 558 -15.84 -4.76 -2.59
CA GLU A 558 -17.25 -4.89 -3.02
C GLU A 558 -17.56 -6.28 -3.61
N TRP A 559 -16.53 -6.96 -4.08
CA TRP A 559 -16.68 -8.30 -4.65
C TRP A 559 -16.82 -9.40 -3.59
N MET A 560 -16.67 -9.07 -2.30
CA MET A 560 -16.73 -10.08 -1.22
C MET A 560 -18.17 -10.21 -0.80
N THR A 561 -18.95 -10.91 -1.62
CA THR A 561 -20.40 -11.01 -1.46
C THR A 561 -20.96 -12.11 -2.32
N THR A 562 -22.19 -12.58 -1.98
CA THR A 562 -22.91 -13.48 -2.88
C THR A 562 -24.00 -12.74 -3.68
N GLU A 563 -24.03 -11.40 -3.58
CA GLU A 563 -24.93 -10.60 -4.39
C GLU A 563 -24.48 -10.74 -5.87
N ASP A 564 -25.43 -10.74 -6.81
CA ASP A 564 -25.14 -10.86 -8.24
C ASP A 564 -24.13 -9.79 -8.67
N MET A 565 -23.02 -10.22 -9.32
CA MET A 565 -22.00 -9.26 -9.67
C MET A 565 -22.39 -8.25 -10.73
N LEU A 566 -23.45 -8.50 -11.52
CA LEU A 566 -23.90 -7.47 -12.46
C LEU A 566 -24.59 -6.34 -11.65
N VAL A 567 -25.31 -6.70 -10.57
CA VAL A 567 -25.94 -5.71 -9.71
C VAL A 567 -24.85 -4.89 -9.01
N VAL A 568 -23.82 -5.56 -8.52
CA VAL A 568 -22.73 -4.85 -7.83
C VAL A 568 -21.99 -3.96 -8.81
N TRP A 569 -21.77 -4.46 -10.05
CA TRP A 569 -21.07 -3.68 -11.09
C TRP A 569 -21.89 -2.39 -11.33
N ASN A 570 -23.22 -2.52 -11.41
CA ASN A 570 -24.05 -1.33 -11.64
C ASN A 570 -23.95 -0.33 -10.49
N ARG A 571 -23.92 -0.83 -9.25
CA ARG A 571 -23.82 0.05 -8.10
C ARG A 571 -22.51 0.82 -8.12
N VAL A 572 -21.41 0.12 -8.39
CA VAL A 572 -20.09 0.74 -8.40
C VAL A 572 -19.84 1.69 -9.57
N TRP A 573 -20.21 1.25 -10.79
CA TRP A 573 -19.86 1.99 -11.98
C TRP A 573 -20.91 2.98 -12.46
N ILE A 574 -22.17 2.78 -12.04
CA ILE A 574 -23.26 3.67 -12.49
C ILE A 574 -23.83 4.48 -11.30
N GLU A 575 -24.50 3.81 -10.36
CA GLU A 575 -25.22 4.49 -9.27
C GLU A 575 -24.33 5.33 -8.39
N GLU A 576 -23.28 4.73 -7.85
CA GLU A 576 -22.41 5.45 -6.92
C GLU A 576 -21.24 6.13 -7.59
N ASN A 577 -21.14 6.05 -8.91
CA ASN A 577 -20.05 6.66 -9.64
C ASN A 577 -20.39 8.11 -9.97
N ASP A 578 -19.82 9.07 -9.20
CA ASP A 578 -20.09 10.49 -9.46
C ASP A 578 -19.62 10.95 -10.85
N HIS A 579 -18.73 10.18 -11.49
CA HIS A 579 -18.28 10.52 -12.83
C HIS A 579 -19.10 9.87 -13.94
N MET A 580 -20.27 9.32 -13.61
CA MET A 580 -21.18 8.75 -14.61
C MET A 580 -22.44 9.63 -14.47
N GLU A 581 -22.61 10.56 -15.38
CA GLU A 581 -23.69 11.55 -15.30
C GLU A 581 -25.04 10.90 -15.51
N ASP A 582 -25.12 10.05 -16.54
CA ASP A 582 -26.37 9.39 -16.88
C ASP A 582 -26.47 8.12 -16.06
N LYS A 583 -27.51 8.00 -15.21
CA LYS A 583 -27.71 6.87 -14.32
C LYS A 583 -28.44 5.69 -14.89
N THR A 584 -28.61 5.61 -16.21
CA THR A 584 -29.27 4.44 -16.82
C THR A 584 -28.53 3.15 -16.47
N PRO A 585 -29.21 2.16 -15.91
CA PRO A 585 -28.50 0.91 -15.55
C PRO A 585 -28.03 0.15 -16.78
N VAL A 586 -27.02 -0.72 -16.59
CA VAL A 586 -26.56 -1.62 -17.64
C VAL A 586 -27.18 -2.98 -17.32
N THR A 587 -27.84 -3.62 -18.30
CA THR A 587 -28.59 -4.83 -18.00
C THR A 587 -27.97 -6.14 -18.49
N LYS A 588 -26.83 -6.06 -19.17
CA LYS A 588 -26.18 -7.26 -19.65
C LYS A 588 -24.69 -7.11 -19.75
N TRP A 589 -23.96 -8.18 -19.44
CA TRP A 589 -22.51 -8.13 -19.51
C TRP A 589 -21.99 -7.82 -20.92
N THR A 590 -22.74 -8.21 -22.00
CA THR A 590 -22.25 -7.88 -23.36
C THR A 590 -22.21 -6.37 -23.64
N ASP A 591 -22.95 -5.55 -22.86
CA ASP A 591 -22.87 -4.10 -23.01
C ASP A 591 -21.61 -3.50 -22.35
N ILE A 592 -20.84 -4.32 -21.57
CA ILE A 592 -19.67 -3.85 -20.84
C ILE A 592 -18.46 -4.21 -21.65
N PRO A 593 -17.63 -3.20 -21.99
CA PRO A 593 -16.61 -3.42 -23.01
C PRO A 593 -15.38 -4.14 -22.56
N TYR A 594 -14.60 -4.55 -23.57
CA TYR A 594 -13.23 -5.02 -23.36
C TYR A 594 -12.33 -3.88 -23.83
N LEU A 595 -11.04 -3.95 -23.45
CA LEU A 595 -10.03 -3.07 -24.07
C LEU A 595 -10.01 -3.45 -25.59
N GLY A 596 -9.43 -2.57 -26.41
CA GLY A 596 -9.16 -2.96 -27.81
C GLY A 596 -8.20 -4.15 -27.82
N LYS A 597 -8.23 -5.01 -28.85
CA LYS A 597 -7.33 -6.18 -28.86
C LYS A 597 -5.87 -5.82 -28.71
N ARG A 598 -5.43 -4.77 -29.39
CA ARG A 598 -4.03 -4.35 -29.32
C ARG A 598 -3.63 -4.01 -27.87
N GLU A 599 -4.51 -3.31 -27.14
CA GLU A 599 -4.20 -2.94 -25.76
C GLU A 599 -4.26 -4.15 -24.82
N ASP A 600 -5.22 -5.05 -25.08
CA ASP A 600 -5.32 -6.26 -24.26
C ASP A 600 -4.03 -7.09 -24.45
N LEU A 601 -3.58 -7.21 -25.71
CA LEU A 601 -2.33 -7.93 -25.99
C LEU A 601 -1.13 -7.23 -25.39
N TRP A 602 -1.09 -5.88 -25.48
CA TRP A 602 0.05 -5.15 -24.90
C TRP A 602 0.19 -5.42 -23.43
N CYS A 603 -0.97 -5.55 -22.76
CA CYS A 603 -1.02 -5.80 -21.34
C CYS A 603 -1.09 -7.26 -20.98
N GLY A 604 -0.56 -8.13 -21.87
CA GLY A 604 -0.38 -9.52 -21.50
C GLY A 604 -1.41 -10.54 -21.91
N SER A 605 -2.44 -10.15 -22.67
CA SER A 605 -3.45 -11.13 -23.08
C SER A 605 -2.86 -12.26 -23.90
N LEU A 606 -3.38 -13.48 -23.70
CA LEU A 606 -3.00 -14.62 -24.54
C LEU A 606 -4.05 -14.92 -25.60
N ILE A 607 -4.94 -13.97 -25.92
N ILE A 607 -4.97 -13.97 -25.91
CA ILE A 607 -5.91 -14.16 -27.00
CA ILE A 607 -5.99 -14.10 -26.98
C ILE A 607 -5.16 -14.46 -28.30
C ILE A 607 -5.28 -14.35 -28.33
N GLY A 608 -5.65 -15.43 -29.02
CA GLY A 608 -5.01 -15.83 -30.27
C GLY A 608 -3.82 -16.75 -30.12
N HIS A 609 -3.30 -16.97 -28.89
CA HIS A 609 -2.15 -17.85 -28.67
C HIS A 609 -2.71 -19.27 -28.53
N ARG A 610 -2.25 -20.22 -29.36
CA ARG A 610 -2.80 -21.59 -29.38
C ARG A 610 -3.12 -22.21 -28.01
N PRO A 611 -2.23 -22.32 -27.01
CA PRO A 611 -2.63 -22.93 -25.73
C PRO A 611 -3.83 -22.23 -25.09
N ARG A 612 -3.94 -20.92 -25.27
CA ARG A 612 -5.08 -20.17 -24.74
C ARG A 612 -6.33 -20.53 -25.50
N THR A 613 -6.24 -20.65 -26.85
CA THR A 613 -7.39 -21.03 -27.66
C THR A 613 -7.90 -22.40 -27.23
N THR A 614 -6.97 -23.35 -27.02
CA THR A 614 -7.37 -24.68 -26.55
C THR A 614 -8.06 -24.63 -25.19
N TRP A 615 -7.54 -23.82 -24.26
CA TRP A 615 -8.09 -23.66 -22.92
C TRP A 615 -9.53 -23.13 -23.03
N ALA A 616 -9.76 -22.13 -23.90
CA ALA A 616 -11.10 -21.56 -24.04
C ALA A 616 -12.05 -22.56 -24.67
N GLU A 617 -11.56 -23.29 -25.69
CA GLU A 617 -12.41 -24.29 -26.34
C GLU A 617 -12.78 -25.41 -25.39
N ASN A 618 -11.88 -25.77 -24.48
CA ASN A 618 -12.10 -26.89 -23.53
C ASN A 618 -12.68 -26.44 -22.18
N ILE A 619 -12.96 -25.14 -22.00
CA ILE A 619 -13.28 -24.60 -20.68
C ILE A 619 -14.47 -25.26 -19.99
N LYS A 620 -15.54 -25.61 -20.71
CA LYS A 620 -16.70 -26.26 -20.09
C LYS A 620 -16.32 -27.61 -19.48
N ASN A 621 -15.45 -28.38 -20.15
N ASN A 621 -15.45 -28.36 -20.19
CA ASN A 621 -15.05 -29.68 -19.56
CA ASN A 621 -14.99 -29.63 -19.65
C ASN A 621 -14.04 -29.53 -18.41
C ASN A 621 -14.21 -29.41 -18.36
N THR A 622 -13.34 -28.38 -18.33
CA THR A 622 -12.49 -28.10 -17.18
C THR A 622 -13.39 -27.69 -15.99
N VAL A 623 -14.43 -26.89 -16.23
CA VAL A 623 -15.38 -26.53 -15.17
C VAL A 623 -16.07 -27.78 -14.62
N ASN A 624 -16.51 -28.71 -15.51
CA ASN A 624 -17.17 -29.92 -15.05
C ASN A 624 -16.25 -30.76 -14.18
N MET A 625 -14.96 -30.77 -14.50
CA MET A 625 -14.00 -31.48 -13.69
C MET A 625 -13.87 -30.87 -12.31
N VAL A 626 -13.80 -29.51 -12.21
CA VAL A 626 -13.71 -28.88 -10.89
C VAL A 626 -14.98 -29.15 -10.08
N ARG A 627 -16.14 -29.09 -10.71
CA ARG A 627 -17.41 -29.36 -10.02
C ARG A 627 -17.43 -30.79 -9.48
N ARG A 628 -16.87 -31.73 -10.24
CA ARG A 628 -16.82 -33.12 -9.78
C ARG A 628 -15.99 -33.25 -8.50
N ILE A 629 -14.85 -32.55 -8.43
CA ILE A 629 -13.96 -32.57 -7.29
C ILE A 629 -14.65 -31.94 -6.08
N ILE A 630 -15.23 -30.73 -6.27
CA ILE A 630 -15.89 -30.06 -5.14
C ILE A 630 -17.13 -30.85 -4.69
N GLY A 631 -17.86 -31.39 -5.65
CA GLY A 631 -19.02 -32.20 -5.38
C GLY A 631 -20.16 -31.89 -6.33
N ASP A 632 -20.57 -32.89 -7.12
CA ASP A 632 -21.67 -32.70 -8.06
C ASP A 632 -23.03 -32.49 -7.37
N GLU A 633 -23.14 -32.79 -6.05
CA GLU A 633 -24.37 -32.56 -5.27
C GLU A 633 -24.57 -31.06 -4.94
N GLU A 634 -23.51 -30.23 -5.07
CA GLU A 634 -23.65 -28.80 -4.80
C GLU A 634 -24.41 -28.10 -5.94
N LYS A 635 -24.86 -26.86 -5.70
CA LYS A 635 -25.57 -26.11 -6.72
C LYS A 635 -24.61 -25.16 -7.44
N TYR A 636 -24.53 -25.28 -8.76
CA TYR A 636 -23.67 -24.44 -9.60
C TYR A 636 -24.48 -23.67 -10.62
N MET A 637 -23.98 -22.51 -11.02
CA MET A 637 -24.58 -21.71 -12.08
C MET A 637 -23.59 -21.65 -13.26
N ASP A 638 -24.09 -21.62 -14.49
CA ASP A 638 -23.23 -21.53 -15.67
C ASP A 638 -23.08 -20.09 -16.05
N TYR A 639 -21.99 -19.46 -15.65
CA TYR A 639 -21.72 -18.07 -16.01
C TYR A 639 -21.05 -17.94 -17.38
N LEU A 640 -20.70 -19.07 -18.02
CA LEU A 640 -20.04 -19.08 -19.32
C LEU A 640 -21.06 -19.03 -20.46
N SER A 641 -22.29 -19.55 -20.25
CA SER A 641 -23.29 -19.57 -21.32
C SER A 641 -23.85 -18.18 -21.63
ZN ZN B . 5.84 -0.67 24.02
ZN ZN C . -3.42 -2.09 -19.62
CAA KY3 D . -4.14 -4.31 -5.74
CAB KY3 D . -2.73 -4.36 -5.95
CAC KY3 D . -2.12 -3.20 -5.45
CAD KY3 D . -2.79 -2.03 -5.87
CAE KY3 D . -4.10 -2.06 -6.40
CAF KY3 D . -4.89 -3.27 -6.37
CAG KY3 D . -4.38 0.36 -6.13
CAH KY3 D . 0.06 -1.99 -5.30
CAI KY3 D . -2.12 -5.55 -5.50
CAJ KY3 D . -6.22 -3.40 -6.08
CAK KY3 D . -6.91 -4.50 -6.52
CAL KY3 D . -8.24 -4.46 -6.29
CAM KY3 D . -8.68 -3.34 -5.70
OAN KY3 D . -4.88 -0.97 -5.99
OAO KY3 D . -0.78 -3.08 -5.69
OAP KY3 D . -2.67 -6.32 -4.68
OAQ KY3 D . -0.99 -5.89 -5.93
SAR KY3 D . -7.35 -2.34 -5.40
#